data_4R7F
#
_entry.id   4R7F
#
_cell.length_a   96.567
_cell.length_b   96.567
_cell.length_c   148.970
_cell.angle_alpha   90.000
_cell.angle_beta   90.000
_cell.angle_gamma   90.000
#
_symmetry.space_group_name_H-M   'P 43 21 2'
#
loop_
_entity.id
_entity.type
_entity.pdbx_description
1 polymer 'Uncharacterized protein'
2 non-polymer GLYCEROL
3 non-polymer 2-AMINO-2-HYDROXYMETHYL-PROPANE-1,3-DIOL
4 non-polymer 'CHLORIDE ION'
5 non-polymer 'MAGNESIUM ION'
6 water water
#
_entity_poly.entity_id   1
_entity_poly.type   'polypeptide(L)'
_entity_poly.pdbx_seq_one_letter_code
;GQVKFFTDVNSKQIKTLQVKVAGELISEPYIALGGEEQIEINFDGLGSGYTRYAYNVVHCNADWTQSQLSPIEY(MSE)N
GFQGTTIDDFANSIGTTTQYSNYRLLLPNDDVQFKVSGNYAIQVYNEDTPDQIIFTACFSVVEPVVNISASVSGNTDIDT
NQSHQQVSFNINNKNFPITYPQTDLKIFVYQDNRRDNAVTDLQP(MSE)SILENQISYTYNRNLIFPAGNEYRR(MSE)E
FLSNKYNG(MSE)HVENISFHNPYYNVEL(MSE)TDYRRDKGTYQYDQDQDGRFFIRCSDCNDPDTEADYYIVHFTLACD
PLPDGSVYLNGELFNNVLDEKSK(MSE)GYNFETKQYEKAVLLKQGSYNYQYLFVPTGSSVGQTGPIEGNYYQTQNEYSI
YVYYRP(MSE)GARYDRLIGVTTVRNE(MSE)QVF
;
_entity_poly.pdbx_strand_id   A
#
loop_
_chem_comp.id
_chem_comp.type
_chem_comp.name
_chem_comp.formula
CL non-polymer 'CHLORIDE ION' 'Cl -1'
GOL non-polymer GLYCEROL 'C3 H8 O3'
MG non-polymer 'MAGNESIUM ION' 'Mg 2'
TRS non-polymer 2-AMINO-2-HYDROXYMETHYL-PROPANE-1,3-DIOL 'C4 H12 N O3 1'
#
# COMPACT_ATOMS: atom_id res chain seq x y z
N GLN A 2 5.16 18.01 -12.12
CA GLN A 2 5.85 16.75 -12.55
CA GLN A 2 5.91 16.77 -12.45
C GLN A 2 5.12 15.53 -11.99
N VAL A 3 5.47 14.36 -12.56
CA VAL A 3 4.80 13.06 -12.43
C VAL A 3 5.25 12.26 -11.20
N LYS A 4 4.29 11.62 -10.54
CA LYS A 4 4.53 10.87 -9.31
C LYS A 4 4.50 9.38 -9.56
N PHE A 5 5.38 8.66 -8.87
CA PHE A 5 5.50 7.23 -8.97
C PHE A 5 4.84 6.62 -7.75
N PHE A 6 4.00 5.63 -7.99
CA PHE A 6 3.29 4.96 -6.94
C PHE A 6 3.08 3.56 -7.36
N THR A 7 2.95 2.68 -6.40
CA THR A 7 2.71 1.28 -6.72
C THR A 7 1.38 1.15 -7.41
N ASP A 8 1.45 0.66 -8.65
CA ASP A 8 0.29 0.51 -9.52
C ASP A 8 0.54 -0.50 -10.67
N VAL A 9 -0.51 -1.16 -11.12
CA VAL A 9 -0.44 -2.12 -12.20
C VAL A 9 -1.12 -1.51 -13.42
N ASN A 10 -0.47 -1.57 -14.58
CA ASN A 10 -1.00 -0.98 -15.81
C ASN A 10 -1.22 -2.03 -16.89
N SER A 11 -1.23 -3.30 -16.55
CA SER A 11 -1.43 -4.33 -17.54
C SER A 11 -2.48 -5.28 -17.06
N LYS A 12 -3.41 -5.66 -17.93
CA LYS A 12 -4.46 -6.60 -17.54
C LYS A 12 -3.93 -8.02 -17.29
N GLN A 13 -2.71 -8.31 -17.78
CA GLN A 13 -2.14 -9.66 -17.59
CA GLN A 13 -2.00 -9.59 -17.66
C GLN A 13 -1.34 -9.80 -16.27
N ILE A 14 -1.16 -8.72 -15.51
CA ILE A 14 -0.40 -8.73 -14.26
C ILE A 14 -1.38 -8.71 -13.07
N LYS A 15 -1.21 -9.59 -12.10
CA LYS A 15 -2.12 -9.61 -10.95
C LYS A 15 -1.33 -9.83 -9.69
N THR A 16 -1.92 -9.40 -8.59
CA THR A 16 -1.47 -9.76 -7.23
C THR A 16 -0.07 -9.27 -7.01
N LEU A 17 0.14 -8.03 -7.42
CA LEU A 17 1.39 -7.34 -7.13
C LEU A 17 1.50 -7.09 -5.63
N GLN A 18 2.55 -7.61 -5.02
CA GLN A 18 2.88 -7.39 -3.62
C GLN A 18 4.28 -6.81 -3.51
N VAL A 19 4.38 -5.82 -2.63
CA VAL A 19 5.62 -5.22 -2.18
C VAL A 19 5.68 -5.33 -0.65
N LYS A 20 6.65 -6.12 -0.18
CA LYS A 20 6.76 -6.44 1.24
CA LYS A 20 6.75 -6.50 1.22
C LYS A 20 8.22 -6.72 1.56
N VAL A 21 8.54 -6.86 2.84
CA VAL A 21 9.89 -7.20 3.22
C VAL A 21 10.02 -8.71 3.08
N ALA A 22 11.01 -9.16 2.31
CA ALA A 22 11.22 -10.57 2.04
C ALA A 22 11.27 -11.31 3.38
N GLY A 23 10.51 -12.39 3.46
CA GLY A 23 10.45 -13.19 4.69
C GLY A 23 9.45 -12.79 5.77
N GLU A 24 8.78 -11.63 5.64
CA GLU A 24 7.88 -11.14 6.69
C GLU A 24 6.41 -11.39 6.31
N LEU A 25 5.60 -11.77 7.29
CA LEU A 25 4.18 -11.94 7.09
C LEU A 25 3.47 -10.57 6.92
N ILE A 26 3.74 -9.67 7.84
CA ILE A 26 3.16 -8.33 7.90
C ILE A 26 4.33 -7.38 7.80
N SER A 27 4.31 -6.44 6.86
CA SER A 27 5.44 -5.53 6.82
C SER A 27 5.11 -4.19 6.27
N GLU A 28 6.13 -3.33 6.28
CA GLU A 28 6.06 -2.06 5.65
C GLU A 28 7.02 -2.04 4.48
N PRO A 29 6.71 -1.23 3.46
CA PRO A 29 7.54 -1.17 2.27
C PRO A 29 8.78 -0.29 2.45
N TYR A 30 9.58 -0.60 3.45
CA TYR A 30 10.89 0.00 3.61
C TYR A 30 11.90 -0.94 4.23
N ILE A 31 13.15 -0.70 3.86
CA ILE A 31 14.31 -1.36 4.44
C ILE A 31 15.44 -0.37 4.73
N ALA A 32 16.38 -0.79 5.56
CA ALA A 32 17.54 0.04 5.90
C ALA A 32 18.61 -0.14 4.86
N LEU A 33 19.30 0.95 4.52
CA LEU A 33 20.36 0.98 3.51
C LEU A 33 21.50 -0.02 3.80
N GLY A 34 22.03 0.01 5.02
CA GLY A 34 23.11 -0.94 5.40
C GLY A 34 22.69 -2.38 5.65
N GLY A 35 21.38 -2.61 5.82
CA GLY A 35 20.85 -3.78 6.55
C GLY A 35 20.87 -5.11 5.82
N GLU A 36 20.38 -6.15 6.50
CA GLU A 36 20.37 -7.52 5.96
C GLU A 36 19.04 -7.85 5.26
N GLU A 37 18.07 -6.93 5.34
CA GLU A 37 16.73 -7.18 4.79
C GLU A 37 16.61 -6.82 3.33
N GLN A 38 15.69 -7.49 2.64
CA GLN A 38 15.40 -7.14 1.26
C GLN A 38 13.93 -6.86 1.03
N ILE A 39 13.66 -6.00 0.06
CA ILE A 39 12.31 -5.88 -0.46
C ILE A 39 12.01 -6.97 -1.45
N GLU A 40 10.81 -7.55 -1.33
CA GLU A 40 10.33 -8.54 -2.25
C GLU A 40 9.20 -7.94 -3.08
N ILE A 41 9.37 -7.99 -4.40
CA ILE A 41 8.34 -7.68 -5.35
C ILE A 41 7.86 -8.99 -5.93
N ASN A 42 6.59 -9.28 -5.71
CA ASN A 42 5.98 -10.51 -6.13
C ASN A 42 4.70 -10.23 -6.98
N PHE A 43 4.54 -10.97 -8.06
CA PHE A 43 3.44 -10.74 -8.94
C PHE A 43 3.23 -11.94 -9.82
N ASP A 44 2.03 -12.05 -10.41
CA ASP A 44 1.75 -13.09 -11.37
C ASP A 44 1.59 -12.50 -12.76
N GLY A 45 2.05 -13.22 -13.78
CA GLY A 45 1.62 -12.96 -15.16
C GLY A 45 0.64 -14.04 -15.62
N LEU A 46 -0.54 -13.63 -16.10
CA LEU A 46 -1.57 -14.60 -16.52
C LEU A 46 -1.33 -15.08 -17.97
N GLY A 47 -1.82 -16.28 -18.27
CA GLY A 47 -1.47 -17.00 -19.51
C GLY A 47 -0.54 -18.17 -19.20
N SER A 48 -0.26 -19.00 -20.21
CA SER A 48 0.70 -20.11 -20.05
CA SER A 48 0.71 -20.10 -20.03
C SER A 48 2.10 -19.64 -20.41
N GLY A 49 2.20 -18.72 -21.36
CA GLY A 49 3.47 -18.15 -21.77
C GLY A 49 4.38 -17.84 -20.58
N TYR A 50 5.62 -18.33 -20.68
CA TYR A 50 6.73 -17.68 -20.02
C TYR A 50 7.00 -16.45 -20.87
N THR A 51 7.28 -15.36 -20.17
CA THR A 51 7.50 -14.05 -20.75
C THR A 51 8.73 -13.49 -20.06
N ARG A 52 9.55 -12.75 -20.82
CA ARG A 52 10.77 -12.17 -20.26
C ARG A 52 10.46 -10.77 -19.75
N TYR A 53 10.48 -10.58 -18.43
CA TYR A 53 10.32 -9.24 -17.88
C TYR A 53 11.65 -8.71 -17.35
N ALA A 54 11.87 -7.42 -17.56
CA ALA A 54 13.03 -6.72 -17.06
C ALA A 54 12.61 -5.45 -16.28
N TYR A 55 13.48 -4.91 -15.44
CA TYR A 55 13.12 -3.70 -14.65
C TYR A 55 14.14 -2.58 -14.68
N ASN A 56 13.67 -1.36 -14.44
CA ASN A 56 14.48 -0.19 -14.17
C ASN A 56 14.26 0.34 -12.74
N VAL A 57 15.34 0.88 -12.16
CA VAL A 57 15.30 1.51 -10.86
C VAL A 57 15.22 3.02 -11.04
N VAL A 58 14.20 3.63 -10.44
CA VAL A 58 14.04 5.08 -10.49
C VAL A 58 14.18 5.63 -9.09
N HIS A 59 15.12 6.55 -8.92
CA HIS A 59 15.27 7.19 -7.65
C HIS A 59 14.36 8.42 -7.59
N CYS A 60 13.61 8.54 -6.47
CA CYS A 60 12.64 9.59 -6.28
C CYS A 60 12.90 10.45 -5.07
N ASN A 61 12.39 11.66 -5.13
CA ASN A 61 12.42 12.54 -3.97
C ASN A 61 11.28 12.24 -3.00
N ALA A 62 11.21 12.98 -1.91
CA ALA A 62 10.29 12.71 -0.83
C ALA A 62 8.84 12.60 -1.32
N ASP A 63 8.46 13.46 -2.26
CA ASP A 63 7.10 13.48 -2.80
C ASP A 63 6.84 12.50 -3.94
N TRP A 64 7.78 11.60 -4.17
CA TRP A 64 7.65 10.52 -5.17
C TRP A 64 7.64 11.01 -6.61
N THR A 65 8.16 12.23 -6.83
CA THR A 65 8.59 12.64 -8.14
C THR A 65 10.04 12.21 -8.30
N GLN A 66 10.47 12.00 -9.53
CA GLN A 66 11.84 11.55 -9.84
C GLN A 66 12.90 12.56 -9.42
N SER A 67 13.96 12.08 -8.77
CA SER A 67 15.02 12.99 -8.34
C SER A 67 15.89 13.30 -9.57
N GLN A 68 16.83 14.23 -9.40
CA GLN A 68 17.79 14.55 -10.46
C GLN A 68 19.00 13.58 -10.49
N LEU A 69 19.01 12.54 -9.68
CA LEU A 69 20.16 11.67 -9.63
C LEU A 69 20.20 10.80 -10.85
N SER A 70 21.42 10.49 -11.31
CA SER A 70 21.65 9.54 -12.41
CA SER A 70 21.63 9.53 -12.40
C SER A 70 21.91 8.16 -11.80
N PRO A 71 21.60 7.07 -12.54
CA PRO A 71 21.76 5.73 -11.98
C PRO A 71 23.07 5.43 -11.28
N ILE A 72 24.18 5.96 -11.78
CA ILE A 72 25.48 5.65 -11.14
C ILE A 72 25.57 6.26 -9.73
N GLU A 73 24.88 7.38 -9.52
CA GLU A 73 24.82 8.02 -8.21
C GLU A 73 24.01 7.20 -7.18
N TYR A 74 23.02 6.42 -7.63
CA TYR A 74 22.14 5.73 -6.67
C TYR A 74 22.14 4.25 -6.63
N MSE A 75 22.64 3.59 -7.68
CA MSE A 75 22.78 2.14 -7.61
CA MSE A 75 22.68 2.11 -7.76
C MSE A 75 24.01 1.63 -8.30
O MSE A 75 24.63 2.30 -9.14
CB MSE A 75 21.61 1.49 -8.28
CB MSE A 75 21.59 1.55 -8.70
CG MSE A 75 21.50 1.98 -9.71
CG MSE A 75 21.71 2.01 -10.16
SE MSE A 75 20.27 0.73 -10.53
SE MSE A 75 20.17 1.61 -11.34
CE MSE A 75 19.73 1.93 -11.98
CE MSE A 75 20.30 -0.36 -11.42
N ASN A 76 24.41 0.46 -7.85
CA ASN A 76 25.45 -0.27 -8.50
C ASN A 76 24.77 -1.39 -9.27
N GLY A 77 25.02 -1.45 -10.57
CA GLY A 77 24.37 -2.40 -11.45
C GLY A 77 23.70 -1.71 -12.61
N PHE A 78 23.14 -2.49 -13.53
CA PHE A 78 22.57 -1.94 -14.76
C PHE A 78 21.05 -1.87 -14.74
N GLN A 79 20.53 -0.92 -15.51
CA GLN A 79 19.13 -0.88 -15.84
C GLN A 79 18.83 -2.04 -16.76
N GLY A 80 17.56 -2.43 -16.78
CA GLY A 80 17.10 -3.43 -17.73
C GLY A 80 17.49 -4.85 -17.37
N THR A 81 17.60 -5.14 -16.08
CA THR A 81 17.93 -6.47 -15.64
C THR A 81 16.74 -7.43 -15.75
N THR A 82 17.05 -8.67 -16.10
CA THR A 82 16.01 -9.69 -16.25
CA THR A 82 16.12 -9.78 -16.23
C THR A 82 15.51 -10.22 -14.89
N ILE A 83 14.22 -10.56 -14.87
CA ILE A 83 13.60 -11.17 -13.70
C ILE A 83 13.58 -12.68 -13.94
N ASP A 84 14.48 -13.37 -13.23
CA ASP A 84 14.77 -14.77 -13.50
CA ASP A 84 14.79 -14.79 -13.48
C ASP A 84 13.98 -15.69 -12.57
N ASP A 85 13.66 -15.24 -11.36
CA ASP A 85 13.06 -16.15 -10.38
C ASP A 85 11.55 -16.29 -10.61
N PHE A 86 11.16 -17.34 -11.31
CA PHE A 86 9.75 -17.60 -11.58
C PHE A 86 9.37 -19.07 -11.61
N ALA A 87 8.07 -19.32 -11.49
CA ALA A 87 7.50 -20.66 -11.51
C ALA A 87 6.06 -20.66 -12.04
N ASN A 88 5.69 -21.74 -12.74
CA ASN A 88 4.35 -21.88 -13.29
C ASN A 88 3.34 -22.24 -12.21
N SER A 89 2.08 -21.84 -12.43
CA SER A 89 0.96 -22.35 -11.60
C SER A 89 0.85 -23.89 -11.70
N ILE A 90 0.39 -24.50 -10.61
CA ILE A 90 0.12 -25.92 -10.54
C ILE A 90 -1.34 -26.18 -10.11
N GLY A 91 -2.08 -26.92 -10.92
CA GLY A 91 -3.41 -27.41 -10.52
C GLY A 91 -4.51 -26.36 -10.42
N THR A 92 -4.49 -25.36 -11.29
CA THR A 92 -5.43 -24.25 -11.22
C THR A 92 -6.13 -24.07 -12.54
N THR A 93 -7.40 -23.70 -12.50
CA THR A 93 -8.15 -23.38 -13.72
C THR A 93 -7.54 -22.22 -14.48
N THR A 94 -7.18 -21.19 -13.75
CA THR A 94 -6.62 -19.99 -14.32
C THR A 94 -5.11 -20.21 -14.31
N GLN A 95 -4.51 -20.23 -15.48
CA GLN A 95 -3.09 -20.44 -15.58
C GLN A 95 -2.32 -19.12 -15.46
N TYR A 96 -1.18 -19.21 -14.80
CA TYR A 96 -0.31 -18.09 -14.58
C TYR A 96 1.10 -18.55 -14.22
N SER A 97 2.05 -17.62 -14.30
CA SER A 97 3.38 -17.82 -13.73
C SER A 97 3.54 -16.78 -12.60
N ASN A 98 4.27 -17.15 -11.56
CA ASN A 98 4.51 -16.33 -10.41
C ASN A 98 5.96 -15.92 -10.38
N TYR A 99 6.22 -14.63 -10.18
CA TYR A 99 7.52 -14.00 -10.30
C TYR A 99 7.90 -13.34 -9.00
N ARG A 100 9.19 -13.31 -8.73
CA ARG A 100 9.71 -12.80 -7.47
C ARG A 100 11.04 -12.12 -7.78
N LEU A 101 11.15 -10.88 -7.33
CA LEU A 101 12.33 -10.07 -7.42
C LEU A 101 12.62 -9.57 -6.03
N LEU A 102 13.80 -9.90 -5.53
CA LEU A 102 14.28 -9.34 -4.28
C LEU A 102 15.28 -8.21 -4.57
N LEU A 103 15.18 -7.15 -3.78
CA LEU A 103 16.11 -6.05 -3.85
C LEU A 103 16.53 -5.59 -2.47
N PRO A 104 17.81 -5.22 -2.30
CA PRO A 104 18.86 -5.35 -3.29
C PRO A 104 19.21 -6.83 -3.51
N ASN A 105 19.94 -7.12 -4.60
CA ASN A 105 20.31 -8.50 -4.89
C ASN A 105 21.72 -8.52 -5.46
N ASP A 106 22.12 -9.63 -6.09
CA ASP A 106 23.47 -9.77 -6.67
C ASP A 106 23.71 -8.83 -7.86
N ASP A 107 22.65 -8.42 -8.56
CA ASP A 107 22.74 -7.59 -9.76
C ASP A 107 22.62 -6.09 -9.50
N VAL A 108 21.87 -5.74 -8.43
CA VAL A 108 21.62 -4.34 -8.07
C VAL A 108 21.68 -4.13 -6.56
N GLN A 109 22.51 -3.16 -6.17
CA GLN A 109 22.56 -2.68 -4.80
C GLN A 109 22.39 -1.16 -4.85
N PHE A 110 21.96 -0.58 -3.74
CA PHE A 110 21.66 0.85 -3.69
C PHE A 110 22.80 1.58 -2.99
N LYS A 111 23.07 2.79 -3.46
CA LYS A 111 24.12 3.59 -2.91
C LYS A 111 23.61 4.67 -1.98
N VAL A 112 22.33 5.03 -2.05
CA VAL A 112 21.81 6.15 -1.24
C VAL A 112 20.44 5.80 -0.71
N SER A 113 20.01 6.54 0.29
CA SER A 113 18.70 6.32 0.84
C SER A 113 17.67 7.02 -0.04
N GLY A 114 16.42 6.86 0.32
CA GLY A 114 15.33 7.62 -0.33
C GLY A 114 14.25 6.71 -0.88
N ASN A 115 13.44 7.30 -1.75
CA ASN A 115 12.32 6.61 -2.35
C ASN A 115 12.73 5.95 -3.68
N TYR A 116 12.39 4.70 -3.87
CA TYR A 116 12.70 3.97 -5.13
C TYR A 116 11.44 3.44 -5.82
N ALA A 117 11.39 3.59 -7.14
CA ALA A 117 10.34 3.05 -7.96
C ALA A 117 10.91 2.08 -8.97
N ILE A 118 10.39 0.85 -8.94
CA ILE A 118 10.82 -0.22 -9.82
C ILE A 118 9.82 -0.34 -10.93
N GLN A 119 10.22 -0.03 -12.16
CA GLN A 119 9.29 -0.10 -13.29
C GLN A 119 9.62 -1.35 -14.05
N VAL A 120 8.61 -2.19 -14.28
CA VAL A 120 8.81 -3.46 -14.95
C VAL A 120 8.16 -3.41 -16.32
N TYR A 121 8.75 -4.15 -17.26
CA TYR A 121 8.27 -4.17 -18.64
C TYR A 121 8.63 -5.50 -19.24
N ASN A 122 7.93 -5.84 -20.33
CA ASN A 122 8.28 -6.95 -21.18
C ASN A 122 9.53 -6.59 -21.98
N GLU A 123 10.58 -7.44 -21.96
CA GLU A 123 11.84 -7.13 -22.67
C GLU A 123 11.64 -6.70 -24.12
N ASP A 124 10.66 -7.33 -24.80
CA ASP A 124 10.27 -6.96 -26.18
C ASP A 124 9.79 -5.52 -26.33
N THR A 125 9.20 -4.96 -25.27
CA THR A 125 8.51 -3.69 -25.36
C THR A 125 8.93 -2.74 -24.24
N PRO A 126 10.22 -2.33 -24.20
CA PRO A 126 10.75 -1.57 -23.06
C PRO A 126 10.11 -0.21 -22.76
N ASP A 127 9.34 0.34 -23.70
CA ASP A 127 8.71 1.65 -23.48
C ASP A 127 7.31 1.54 -22.89
N GLN A 128 6.70 0.34 -22.90
CA GLN A 128 5.43 0.14 -22.19
CA GLN A 128 5.44 0.04 -22.22
C GLN A 128 5.67 -0.49 -20.79
N ILE A 129 5.58 0.38 -19.78
CA ILE A 129 5.71 -0.05 -18.40
C ILE A 129 4.44 -0.77 -18.01
N ILE A 130 4.59 -2.03 -17.54
CA ILE A 130 3.44 -2.82 -17.12
C ILE A 130 3.04 -2.69 -15.65
N PHE A 131 3.99 -2.38 -14.78
CA PHE A 131 3.70 -1.96 -13.41
C PHE A 131 4.87 -1.24 -12.81
N THR A 132 4.59 -0.46 -11.78
CA THR A 132 5.56 0.18 -10.93
C THR A 132 5.39 -0.37 -9.50
N ALA A 133 6.49 -0.76 -8.85
CA ALA A 133 6.47 -1.13 -7.44
C ALA A 133 7.38 -0.20 -6.66
N CYS A 134 6.85 0.36 -5.58
CA CYS A 134 7.51 1.44 -4.86
C CYS A 134 7.82 1.03 -3.41
N PHE A 135 9.04 1.38 -2.95
CA PHE A 135 9.50 1.10 -1.60
C PHE A 135 10.53 2.15 -1.24
N SER A 136 10.85 2.22 0.04
CA SER A 136 11.81 3.20 0.48
C SER A 136 13.00 2.54 1.19
N VAL A 137 14.11 3.24 1.15
CA VAL A 137 15.34 2.78 1.77
C VAL A 137 15.78 3.84 2.75
N VAL A 138 15.85 3.45 4.03
CA VAL A 138 16.16 4.38 5.14
C VAL A 138 17.62 4.20 5.64
N GLU A 139 18.28 5.34 5.91
CA GLU A 139 19.53 5.40 6.70
C GLU A 139 19.15 5.98 8.03
N PRO A 140 18.90 5.12 9.00
CA PRO A 140 18.21 5.55 10.21
C PRO A 140 19.11 6.27 11.21
N VAL A 141 19.31 7.55 10.97
CA VAL A 141 20.17 8.37 11.81
C VAL A 141 19.40 9.22 12.84
N VAL A 142 18.08 9.22 12.79
CA VAL A 142 17.30 9.81 13.83
C VAL A 142 16.26 8.79 14.32
N ASN A 143 15.77 8.99 15.53
CA ASN A 143 14.81 8.12 16.19
CA ASN A 143 14.79 8.09 16.11
C ASN A 143 13.51 8.93 16.25
N ILE A 144 12.36 8.27 16.08
CA ILE A 144 11.08 8.96 16.11
C ILE A 144 10.25 8.38 17.23
N SER A 145 9.89 9.20 18.21
CA SER A 145 8.95 8.82 19.27
CA SER A 145 8.95 8.77 19.25
C SER A 145 7.58 9.32 18.91
N ALA A 146 6.58 8.43 18.90
CA ALA A 146 5.26 8.76 18.38
C ALA A 146 4.12 8.20 19.23
N SER A 147 2.94 8.80 19.11
CA SER A 147 1.74 8.24 19.69
C SER A 147 0.53 8.52 18.80
N VAL A 148 -0.53 7.72 18.95
CA VAL A 148 -1.81 7.94 18.30
C VAL A 148 -2.85 7.95 19.40
N SER A 149 -3.70 8.98 19.43
CA SER A 149 -4.76 9.03 20.39
C SER A 149 -6.09 9.42 19.76
N GLY A 150 -7.16 8.82 20.24
CA GLY A 150 -8.52 9.22 19.88
C GLY A 150 -8.95 10.46 20.64
N ASN A 151 -8.14 10.89 21.58
CA ASN A 151 -8.34 12.17 22.20
C ASN A 151 -7.50 13.19 21.52
N THR A 152 -8.15 14.03 20.74
CA THR A 152 -7.50 14.94 19.81
C THR A 152 -7.76 16.36 20.21
N ASP A 153 -7.18 17.26 19.45
CA ASP A 153 -7.37 18.67 19.69
C ASP A 153 -8.74 19.18 19.29
N ILE A 154 -9.47 18.43 18.45
CA ILE A 154 -10.79 18.90 17.99
C ILE A 154 -11.95 18.11 18.52
N ASP A 155 -11.67 16.96 19.12
CA ASP A 155 -12.70 16.17 19.76
C ASP A 155 -12.08 15.18 20.77
N THR A 156 -12.94 14.42 21.45
CA THR A 156 -12.51 13.53 22.51
C THR A 156 -13.18 12.16 22.35
N ASN A 157 -12.41 11.21 21.84
CA ASN A 157 -12.88 9.85 21.65
C ASN A 157 -14.25 9.84 20.95
N GLN A 158 -14.29 10.48 19.79
CA GLN A 158 -15.49 10.49 18.94
CA GLN A 158 -15.49 10.54 18.96
C GLN A 158 -15.12 9.82 17.63
N SER A 159 -14.75 10.60 16.62
CA SER A 159 -14.52 10.05 15.31
C SER A 159 -13.12 10.25 14.74
N HIS A 160 -12.15 10.69 15.54
CA HIS A 160 -10.83 10.95 14.97
C HIS A 160 -9.71 10.32 15.76
N GLN A 161 -8.55 10.29 15.12
CA GLN A 161 -7.30 9.89 15.71
C GLN A 161 -6.28 10.97 15.42
N GLN A 162 -5.41 11.27 16.37
CA GLN A 162 -4.36 12.24 16.14
C GLN A 162 -3.01 11.63 16.41
N VAL A 163 -2.11 11.85 15.46
CA VAL A 163 -0.71 11.44 15.57
C VAL A 163 0.17 12.56 16.09
N SER A 164 1.08 12.19 16.98
CA SER A 164 1.93 13.14 17.68
C SER A 164 3.30 12.50 17.56
N PHE A 165 4.31 13.27 17.21
CA PHE A 165 5.66 12.70 17.19
C PHE A 165 6.79 13.70 17.40
N ASN A 166 7.95 13.18 17.80
CA ASN A 166 9.17 13.98 18.00
C ASN A 166 10.27 13.29 17.29
N ILE A 167 11.12 14.07 16.66
CA ILE A 167 12.29 13.55 16.04
C ILE A 167 13.41 13.80 16.99
N ASN A 168 14.03 12.72 17.46
CA ASN A 168 15.18 12.75 18.34
C ASN A 168 16.48 12.63 17.55
N ASN A 169 17.24 13.73 17.47
CA ASN A 169 18.38 13.86 16.60
C ASN A 169 19.67 14.33 17.27
N LYS A 170 19.92 13.88 18.49
CA LYS A 170 21.16 14.20 19.20
C LYS A 170 22.39 13.80 18.37
N ASN A 171 22.32 12.63 17.71
CA ASN A 171 23.40 12.13 16.91
C ASN A 171 23.30 12.47 15.44
N PHE A 172 22.33 13.30 15.05
CA PHE A 172 22.30 13.79 13.67
C PHE A 172 21.77 15.23 13.67
N PRO A 173 22.57 16.16 14.19
CA PRO A 173 22.05 17.51 14.37
C PRO A 173 21.64 18.09 13.03
N ILE A 174 20.55 18.83 13.05
CA ILE A 174 20.03 19.52 11.85
C ILE A 174 19.75 20.96 12.19
N THR A 175 20.50 21.88 11.59
CA THR A 175 20.42 23.29 11.95
C THR A 175 19.03 23.92 11.72
N TYR A 176 18.43 23.72 10.55
CA TYR A 176 17.15 24.34 10.20
C TYR A 176 16.16 23.27 9.76
N PRO A 177 15.62 22.52 10.69
CA PRO A 177 14.71 21.46 10.28
C PRO A 177 13.38 21.94 9.72
N GLN A 178 13.02 23.19 9.95
CA GLN A 178 11.72 23.68 9.49
C GLN A 178 11.78 23.83 7.95
N THR A 179 12.99 23.97 7.44
CA THR A 179 13.26 24.12 6.01
C THR A 179 13.80 22.83 5.42
N ASP A 180 14.71 22.15 6.11
CA ASP A 180 15.47 21.02 5.51
C ASP A 180 14.84 19.64 5.67
N LEU A 181 13.78 19.52 6.47
CA LEU A 181 13.05 18.23 6.62
C LEU A 181 11.78 18.26 5.79
N LYS A 182 11.44 17.14 5.16
CA LYS A 182 10.13 16.97 4.57
C LYS A 182 9.55 15.71 5.21
N ILE A 183 8.34 15.80 5.75
CA ILE A 183 7.72 14.70 6.50
C ILE A 183 6.47 14.23 5.78
N PHE A 184 6.32 12.92 5.62
CA PHE A 184 5.07 12.35 5.12
C PHE A 184 4.55 11.37 6.14
N VAL A 185 3.24 11.46 6.39
CA VAL A 185 2.54 10.57 7.30
C VAL A 185 1.41 9.84 6.56
N TYR A 186 1.42 8.52 6.63
CA TYR A 186 0.46 7.73 5.88
C TYR A 186 -0.36 6.91 6.84
N GLN A 187 -1.67 6.94 6.66
CA GLN A 187 -2.57 6.09 7.42
C GLN A 187 -2.83 4.84 6.62
N ASP A 188 -2.69 3.67 7.27
CA ASP A 188 -2.97 2.37 6.66
C ASP A 188 -2.41 2.26 5.22
N ASN A 189 -1.18 2.74 5.04
CA ASN A 189 -0.50 2.66 3.75
C ASN A 189 -1.23 3.30 2.56
N ARG A 190 -2.04 4.33 2.84
CA ARG A 190 -2.85 5.01 1.84
C ARG A 190 -2.14 6.30 1.49
N ARG A 191 -2.00 6.54 0.20
CA ARG A 191 -1.51 7.83 -0.25
C ARG A 191 -2.57 8.84 -0.41
N ASP A 192 -3.81 8.43 -0.63
CA ASP A 192 -4.86 9.37 -0.95
C ASP A 192 -5.13 10.42 0.13
N ASN A 193 -5.02 10.03 1.41
CA ASN A 193 -5.24 10.99 2.50
C ASN A 193 -4.00 11.22 3.36
N ALA A 194 -2.83 11.10 2.73
CA ALA A 194 -1.55 11.30 3.39
C ALA A 194 -1.33 12.77 3.71
N VAL A 195 -0.44 13.04 4.67
CA VAL A 195 -0.21 14.39 5.15
C VAL A 195 1.27 14.72 4.99
N THR A 196 1.53 16.00 4.68
CA THR A 196 2.87 16.55 4.58
C THR A 196 2.78 18.07 4.75
N ASP A 197 3.85 18.80 4.43
CA ASP A 197 3.92 20.27 4.76
C ASP A 197 3.66 20.51 6.26
N LEU A 198 4.42 19.84 7.10
CA LEU A 198 4.26 19.96 8.53
C LEU A 198 5.28 20.99 9.04
N GLN A 199 4.90 21.78 10.02
CA GLN A 199 5.89 22.60 10.69
C GLN A 199 6.08 22.14 12.15
N PRO A 200 7.32 22.11 12.60
CA PRO A 200 7.51 21.78 14.01
C PRO A 200 6.80 22.77 14.90
N MSE A 201 6.17 22.30 15.96
N MSE A 201 6.15 22.26 15.95
CA MSE A 201 5.65 23.18 16.97
CA MSE A 201 4.61 22.29 17.89
CA MSE A 201 5.65 23.08 17.03
C MSE A 201 6.81 23.71 17.77
C MSE A 201 6.81 23.70 17.71
O MSE A 201 6.71 24.81 18.31
O MSE A 201 6.74 24.85 18.12
CB MSE A 201 4.64 22.45 17.83
CB MSE A 201 3.49 22.83 17.01
CB MSE A 201 4.97 22.25 18.10
CG MSE A 201 3.39 22.06 17.04
CG MSE A 201 2.60 23.79 17.80
CG MSE A 201 5.19 22.86 19.48
SE MSE A 201 2.75 23.36 15.68
SE MSE A 201 2.61 23.26 19.70
SE MSE A 201 4.64 21.54 20.82
CE MSE A 201 0.96 23.55 16.47
CE MSE A 201 0.85 24.09 20.15
CE MSE A 201 6.30 21.18 21.81
N SER A 202 7.89 22.94 17.89
CA SER A 202 9.08 23.42 18.63
C SER A 202 10.37 22.76 18.17
N ILE A 203 11.48 23.48 18.27
CA ILE A 203 12.79 22.96 17.84
C ILE A 203 13.83 23.25 18.88
N LEU A 204 14.28 22.19 19.55
CA LEU A 204 15.40 22.25 20.44
C LEU A 204 16.60 21.70 19.67
N GLU A 205 17.75 21.80 20.28
CA GLU A 205 18.99 21.37 19.59
C GLU A 205 19.04 19.88 19.24
N ASN A 206 18.30 19.09 19.98
CA ASN A 206 18.30 17.63 19.85
C ASN A 206 16.88 17.03 19.82
N GLN A 207 15.90 17.86 19.51
CA GLN A 207 14.53 17.37 19.47
C GLN A 207 13.64 18.29 18.72
N ILE A 208 12.92 17.73 17.75
CA ILE A 208 12.00 18.49 16.93
C ILE A 208 10.63 17.91 17.14
N SER A 209 9.70 18.72 17.64
CA SER A 209 8.39 18.20 18.03
C SER A 209 7.32 18.62 17.02
N TYR A 210 6.53 17.64 16.55
CA TYR A 210 5.40 17.89 15.64
C TYR A 210 4.16 17.41 16.35
N THR A 211 3.86 18.06 17.43
CA THR A 211 2.82 17.65 18.32
C THR A 211 1.80 18.78 18.30
N TYR A 212 0.52 18.43 18.39
CA TYR A 212 -0.59 19.40 18.38
C TYR A 212 -0.81 20.03 17.01
N ASN A 213 -0.46 19.31 15.98
CA ASN A 213 -0.57 19.79 14.62
C ASN A 213 -1.91 19.41 14.06
N ARG A 214 -2.68 20.41 13.62
CA ARG A 214 -4.03 20.19 13.19
C ARG A 214 -4.08 19.22 12.01
N ASN A 215 -3.08 19.25 11.14
CA ASN A 215 -3.07 18.39 9.95
C ASN A 215 -2.85 16.93 10.31
N LEU A 216 -2.41 16.65 11.53
CA LEU A 216 -2.09 15.30 11.92
C LEU A 216 -3.28 14.60 12.57
N ILE A 217 -4.47 15.16 12.37
CA ILE A 217 -5.70 14.57 12.82
C ILE A 217 -6.39 13.91 11.64
N PHE A 218 -6.59 12.62 11.75
CA PHE A 218 -7.12 11.80 10.68
C PHE A 218 -8.48 11.32 11.06
N PRO A 219 -9.37 11.08 10.10
CA PRO A 219 -10.59 10.35 10.53
C PRO A 219 -10.25 8.93 10.92
N ALA A 220 -10.93 8.41 11.94
CA ALA A 220 -10.52 7.17 12.57
C ALA A 220 -10.88 5.93 11.78
N GLY A 221 -11.92 6.04 10.94
CA GLY A 221 -12.36 4.87 10.16
C GLY A 221 -12.82 3.73 11.05
N ASN A 222 -12.67 2.53 10.51
CA ASN A 222 -13.24 1.32 11.05
C ASN A 222 -12.30 0.18 10.73
N GLU A 223 -12.47 -0.95 11.40
CA GLU A 223 -11.71 -2.15 11.03
C GLU A 223 -12.19 -2.56 9.66
N TYR A 224 -11.24 -3.01 8.86
CA TYR A 224 -11.51 -3.37 7.51
C TYR A 224 -12.41 -4.60 7.55
N ARG A 225 -13.20 -4.69 6.48
CA ARG A 225 -14.01 -5.85 6.22
C ARG A 225 -13.11 -6.99 5.79
N ARG A 226 -13.54 -8.22 6.11
CA ARG A 226 -12.73 -9.41 5.80
C ARG A 226 -13.56 -10.44 5.10
N MSE A 227 -12.85 -11.24 4.32
CA MSE A 227 -13.42 -12.21 3.40
C MSE A 227 -12.32 -13.20 3.14
O MSE A 227 -11.16 -12.82 3.14
CB MSE A 227 -13.77 -11.26 2.24
CG MSE A 227 -14.05 -11.82 0.91
SE MSE A 227 -12.45 -12.28 -0.06
CE MSE A 227 -12.13 -10.89 -1.39
N GLU A 228 -12.66 -14.47 2.93
CA GLU A 228 -11.66 -15.51 2.65
C GLU A 228 -12.26 -16.54 1.74
N PHE A 229 -11.47 -17.03 0.78
CA PHE A 229 -11.93 -18.11 -0.07
C PHE A 229 -10.77 -19.02 -0.40
N LEU A 230 -10.55 -19.96 0.51
CA LEU A 230 -9.42 -20.86 0.48
C LEU A 230 -9.68 -22.14 -0.30
N SER A 231 -10.94 -22.40 -0.65
CA SER A 231 -11.25 -23.45 -1.61
C SER A 231 -12.60 -23.19 -2.25
N ASN A 232 -12.90 -23.98 -3.29
CA ASN A 232 -14.26 -24.02 -3.87
C ASN A 232 -15.28 -24.97 -3.22
N LYS A 233 -14.90 -25.67 -2.14
CA LYS A 233 -15.74 -26.76 -1.61
C LYS A 233 -16.72 -26.22 -0.60
N TYR A 234 -16.24 -25.41 0.33
CA TYR A 234 -17.10 -24.77 1.31
C TYR A 234 -17.06 -23.27 1.11
N ASN A 235 -18.03 -22.60 1.73
CA ASN A 235 -18.11 -21.16 1.73
C ASN A 235 -17.29 -20.59 2.86
N GLY A 236 -16.25 -19.83 2.54
CA GLY A 236 -15.41 -19.24 3.58
C GLY A 236 -16.07 -18.04 4.23
N MSE A 237 -15.29 -17.32 5.02
CA MSE A 237 -15.74 -16.15 5.76
C MSE A 237 -16.30 -15.15 4.79
O MSE A 237 -15.62 -14.76 3.83
CB MSE A 237 -14.55 -15.55 6.47
CG MSE A 237 -14.85 -14.23 7.20
SE MSE A 237 -13.16 -13.60 8.00
CE MSE A 237 -12.80 -14.94 9.42
N HIS A 238 -17.53 -14.73 5.05
CA HIS A 238 -18.21 -13.71 4.26
C HIS A 238 -18.54 -14.16 2.86
N VAL A 239 -18.57 -15.46 2.62
CA VAL A 239 -18.93 -15.96 1.29
C VAL A 239 -20.30 -16.63 1.30
N GLU A 240 -21.17 -16.19 0.40
CA GLU A 240 -22.58 -16.62 0.36
C GLU A 240 -22.69 -17.91 -0.48
N ASN A 241 -21.85 -18.02 -1.51
CA ASN A 241 -21.91 -19.15 -2.40
C ASN A 241 -20.77 -19.07 -3.40
N ILE A 242 -20.31 -20.24 -3.82
CA ILE A 242 -19.34 -20.38 -4.89
C ILE A 242 -19.95 -21.26 -5.98
N SER A 243 -19.71 -20.90 -7.23
CA SER A 243 -20.34 -21.55 -8.37
C SER A 243 -19.33 -21.54 -9.53
N PHE A 244 -19.55 -22.34 -10.57
CA PHE A 244 -18.58 -22.42 -11.66
C PHE A 244 -19.24 -22.02 -12.95
N HIS A 245 -18.67 -21.02 -13.64
CA HIS A 245 -19.15 -20.60 -14.97
C HIS A 245 -17.93 -20.48 -15.89
N ASN A 246 -17.77 -21.50 -16.73
CA ASN A 246 -16.57 -21.70 -17.50
C ASN A 246 -16.05 -20.37 -18.06
N PRO A 247 -14.77 -20.06 -17.84
CA PRO A 247 -13.71 -20.90 -17.26
C PRO A 247 -13.40 -20.69 -15.79
N TYR A 248 -14.25 -19.94 -15.09
CA TYR A 248 -13.91 -19.45 -13.73
C TYR A 248 -14.88 -19.88 -12.66
N TYR A 249 -14.34 -20.13 -11.48
CA TYR A 249 -15.19 -20.15 -10.29
C TYR A 249 -15.53 -18.73 -9.90
N ASN A 250 -16.73 -18.55 -9.37
CA ASN A 250 -17.26 -17.25 -9.01
C ASN A 250 -17.62 -17.28 -7.54
N VAL A 251 -17.05 -16.35 -6.81
CA VAL A 251 -17.35 -16.18 -5.41
C VAL A 251 -18.33 -15.05 -5.15
N GLU A 252 -19.56 -15.39 -4.75
CA GLU A 252 -20.54 -14.39 -4.35
C GLU A 252 -20.31 -14.07 -2.88
N LEU A 253 -19.84 -12.86 -2.59
CA LEU A 253 -19.67 -12.44 -1.23
C LEU A 253 -21.03 -12.06 -0.70
N MSE A 254 -21.18 -12.24 0.61
CA MSE A 254 -22.33 -11.77 1.34
C MSE A 254 -22.42 -10.29 1.17
O MSE A 254 -21.43 -9.61 0.89
CB MSE A 254 -22.16 -12.09 2.82
CG MSE A 254 -22.32 -13.60 3.09
SE MSE A 254 -22.03 -13.89 5.02
CE MSE A 254 -22.45 -15.82 4.96
N THR A 255 -23.65 -9.80 1.30
CA THR A 255 -23.96 -8.42 1.05
C THR A 255 -23.38 -7.54 2.14
N ASP A 256 -22.77 -6.43 1.72
CA ASP A 256 -22.23 -5.46 2.66
C ASP A 256 -23.19 -4.30 2.82
N TYR A 257 -23.18 -3.66 4.00
CA TYR A 257 -24.07 -2.55 4.31
C TYR A 257 -23.22 -1.43 4.90
N ARG A 258 -23.71 -0.19 4.84
CA ARG A 258 -23.09 0.93 5.54
C ARG A 258 -22.93 0.59 7.02
N ARG A 259 -21.80 0.97 7.58
CA ARG A 259 -21.48 0.70 8.98
C ARG A 259 -21.31 1.99 9.79
N ASP A 260 -21.66 3.13 9.20
CA ASP A 260 -21.44 4.43 9.85
C ASP A 260 -22.46 4.79 10.96
N LYS A 261 -23.58 4.11 11.02
CA LYS A 261 -24.65 4.53 11.92
C LYS A 261 -24.70 3.62 13.15
N GLY A 262 -23.55 3.28 13.72
CA GLY A 262 -23.52 2.22 14.72
C GLY A 262 -22.64 2.42 15.95
N THR A 263 -22.17 1.31 16.50
N THR A 263 -22.19 1.30 16.50
CA THR A 263 -21.30 1.25 17.67
CA THR A 263 -21.29 1.28 17.65
C THR A 263 -20.09 0.44 17.24
C THR A 263 -20.09 0.43 17.23
N TYR A 264 -18.90 0.82 17.67
CA TYR A 264 -17.68 0.10 17.27
C TYR A 264 -17.75 -1.37 17.68
N GLN A 265 -17.36 -2.28 16.77
CA GLN A 265 -17.27 -3.73 17.04
C GLN A 265 -15.82 -4.15 16.89
N TYR A 266 -15.18 -4.59 17.99
CA TYR A 266 -13.84 -5.12 17.86
C TYR A 266 -13.88 -6.28 16.86
N ASP A 267 -13.01 -6.17 15.87
CA ASP A 267 -12.74 -7.22 14.88
CA ASP A 267 -12.74 -7.28 14.98
C ASP A 267 -11.23 -7.15 14.76
N GLN A 268 -10.58 -8.24 14.42
CA GLN A 268 -9.14 -8.21 14.25
C GLN A 268 -8.93 -8.11 12.73
N ASP A 269 -8.25 -7.06 12.25
CA ASP A 269 -7.90 -6.92 10.84
C ASP A 269 -6.39 -6.78 10.64
N GLN A 270 -5.99 -6.55 9.40
CA GLN A 270 -4.58 -6.36 9.07
C GLN A 270 -4.43 -5.11 8.19
N ASP A 271 -5.29 -4.13 8.48
CA ASP A 271 -5.27 -2.76 7.90
C ASP A 271 -5.15 -2.68 6.37
N GLY A 272 -5.90 -3.54 5.68
CA GLY A 272 -6.05 -3.52 4.25
C GLY A 272 -5.25 -4.57 3.53
N ARG A 273 -4.45 -5.33 4.26
CA ARG A 273 -3.64 -6.35 3.64
C ARG A 273 -4.45 -7.56 3.19
N PHE A 274 -3.82 -8.36 2.32
CA PHE A 274 -4.33 -9.66 1.93
C PHE A 274 -3.24 -10.69 2.01
N PHE A 275 -3.62 -11.97 2.02
CA PHE A 275 -2.67 -13.06 2.23
C PHE A 275 -3.09 -14.18 1.33
N ILE A 276 -2.18 -14.59 0.46
CA ILE A 276 -2.49 -15.64 -0.51
C ILE A 276 -2.31 -17.01 0.17
N ARG A 277 -3.41 -17.77 0.17
CA ARG A 277 -3.54 -19.02 0.93
CA ARG A 277 -3.57 -19.01 0.95
C ARG A 277 -4.57 -19.90 0.19
N CYS A 278 -4.43 -21.21 0.31
CA CYS A 278 -5.49 -22.13 -0.14
C CYS A 278 -5.41 -23.41 0.68
N SER A 279 -6.52 -24.14 0.77
CA SER A 279 -6.61 -25.36 1.60
C SER A 279 -5.63 -26.46 1.15
N ASP A 280 -4.75 -26.89 2.05
CA ASP A 280 -3.76 -27.95 1.78
C ASP A 280 -2.72 -27.55 0.73
N CYS A 281 -2.45 -26.26 0.62
CA CYS A 281 -1.44 -25.79 -0.32
C CYS A 281 -0.21 -25.50 0.48
N ASN A 282 0.92 -26.03 0.06
CA ASN A 282 2.17 -25.70 0.72
CA ASN A 282 2.22 -25.75 0.68
C ASN A 282 2.87 -24.53 0.02
N ASP A 283 2.58 -24.32 -1.28
CA ASP A 283 3.09 -23.13 -1.99
C ASP A 283 1.93 -22.33 -2.67
N PRO A 284 1.17 -21.56 -1.87
CA PRO A 284 0.03 -20.84 -2.43
C PRO A 284 0.40 -19.90 -3.62
N ASP A 285 1.61 -19.37 -3.63
CA ASP A 285 2.03 -18.52 -4.73
C ASP A 285 1.99 -19.19 -6.09
N THR A 286 2.05 -20.52 -6.16
CA THR A 286 1.82 -21.26 -7.43
C THR A 286 0.61 -22.21 -7.44
N GLU A 287 -0.04 -22.39 -6.30
CA GLU A 287 -1.13 -23.35 -6.17
C GLU A 287 -2.50 -22.68 -6.01
N ALA A 288 -2.50 -21.42 -5.59
CA ALA A 288 -3.76 -20.68 -5.44
C ALA A 288 -4.33 -20.31 -6.79
N ASP A 289 -5.63 -20.52 -6.96
CA ASP A 289 -6.31 -20.26 -8.22
C ASP A 289 -6.85 -18.82 -8.21
N TYR A 290 -7.39 -18.38 -9.35
CA TYR A 290 -7.95 -17.04 -9.53
C TYR A 290 -9.41 -17.26 -9.81
N TYR A 291 -10.26 -16.64 -8.98
CA TYR A 291 -11.70 -16.73 -9.08
C TYR A 291 -12.23 -15.32 -9.32
N ILE A 292 -13.42 -15.20 -9.91
CA ILE A 292 -14.09 -13.91 -10.01
C ILE A 292 -14.77 -13.67 -8.69
N VAL A 293 -14.37 -12.62 -7.97
CA VAL A 293 -15.06 -12.31 -6.73
C VAL A 293 -16.03 -11.15 -6.89
N HIS A 294 -17.26 -11.33 -6.38
CA HIS A 294 -18.33 -10.38 -6.55
C HIS A 294 -18.62 -9.67 -5.26
N PHE A 295 -18.45 -8.35 -5.30
CA PHE A 295 -18.70 -7.49 -4.13
C PHE A 295 -20.01 -6.78 -4.32
N THR A 296 -20.75 -6.63 -3.23
CA THR A 296 -22.03 -5.97 -3.24
C THR A 296 -22.16 -5.08 -2.04
N LEU A 297 -22.44 -3.78 -2.26
CA LEU A 297 -22.74 -2.84 -1.18
C LEU A 297 -24.13 -2.30 -1.34
N ALA A 298 -25.06 -2.72 -0.48
CA ALA A 298 -26.48 -2.34 -0.59
C ALA A 298 -26.77 -1.05 0.15
N CYS A 299 -26.96 0.04 -0.57
CA CYS A 299 -27.37 1.30 0.00
C CYS A 299 -27.81 2.09 -1.17
N ASP A 300 -28.46 3.20 -0.87
CA ASP A 300 -28.87 4.17 -1.88
C ASP A 300 -27.60 4.78 -2.39
N PRO A 301 -27.59 5.28 -3.64
CA PRO A 301 -26.33 5.83 -4.10
C PRO A 301 -26.01 7.14 -3.36
N LEU A 302 -24.74 7.30 -3.02
CA LEU A 302 -24.27 8.49 -2.37
C LEU A 302 -24.04 9.58 -3.39
N PRO A 303 -24.63 10.76 -3.14
CA PRO A 303 -24.53 11.91 -4.04
C PRO A 303 -23.21 12.63 -3.95
N ASP A 304 -22.88 13.38 -5.00
CA ASP A 304 -21.72 14.28 -4.99
C ASP A 304 -20.39 13.55 -4.78
N GLY A 305 -20.28 12.32 -5.27
CA GLY A 305 -19.03 11.60 -5.15
C GLY A 305 -19.11 10.24 -5.73
N SER A 306 -18.01 9.49 -5.55
CA SER A 306 -17.91 8.12 -6.04
C SER A 306 -17.38 7.19 -4.97
N VAL A 307 -17.74 5.91 -5.07
CA VAL A 307 -17.33 4.90 -4.12
C VAL A 307 -16.26 4.04 -4.76
N TYR A 308 -15.21 3.78 -3.98
CA TYR A 308 -14.06 3.00 -4.39
C TYR A 308 -13.79 1.84 -3.42
N LEU A 309 -13.50 0.69 -3.99
CA LEU A 309 -13.09 -0.48 -3.22
C LEU A 309 -11.63 -0.27 -2.90
N ASN A 310 -11.28 -0.46 -1.65
CA ASN A 310 -10.00 0.00 -1.18
C ASN A 310 -9.30 -1.10 -0.37
N GLY A 311 -7.98 -1.15 -0.51
CA GLY A 311 -7.15 -2.13 0.21
C GLY A 311 -5.94 -2.50 -0.64
N GLU A 312 -5.08 -3.37 -0.12
CA GLU A 312 -3.86 -3.84 -0.80
CA GLU A 312 -3.90 -3.72 -0.85
C GLU A 312 -4.28 -4.54 -2.11
N LEU A 313 -5.48 -5.13 -2.14
CA LEU A 313 -5.96 -5.78 -3.36
C LEU A 313 -5.97 -4.88 -4.62
N PHE A 314 -6.11 -3.57 -4.45
CA PHE A 314 -5.92 -2.61 -5.54
C PHE A 314 -4.73 -1.68 -5.27
N ASN A 315 -3.78 -2.12 -4.43
CA ASN A 315 -2.60 -1.31 -4.09
C ASN A 315 -2.99 0.05 -3.50
N ASN A 316 -4.14 0.09 -2.84
CA ASN A 316 -4.64 1.36 -2.32
C ASN A 316 -4.68 2.54 -3.34
N VAL A 317 -4.88 2.20 -4.62
CA VAL A 317 -5.09 3.18 -5.67
C VAL A 317 -6.58 3.45 -5.88
N LEU A 318 -6.95 4.73 -5.86
CA LEU A 318 -8.29 5.18 -6.15
C LEU A 318 -8.26 5.69 -7.57
N ASP A 319 -8.76 4.84 -8.48
CA ASP A 319 -8.88 5.16 -9.89
C ASP A 319 -10.01 4.29 -10.55
N GLU A 320 -10.05 4.26 -11.87
CA GLU A 320 -11.12 3.62 -12.63
C GLU A 320 -11.13 2.12 -12.42
N LYS A 321 -10.01 1.55 -12.02
CA LYS A 321 -9.99 0.14 -11.72
C LYS A 321 -10.71 -0.17 -10.45
N SER A 322 -10.61 0.71 -9.43
CA SER A 322 -11.13 0.37 -8.11
C SER A 322 -12.48 1.04 -7.84
N LYS A 323 -12.84 1.98 -8.71
CA LYS A 323 -14.14 2.65 -8.61
C LYS A 323 -15.27 1.65 -8.79
N MSE A 324 -16.36 1.85 -8.08
CA MSE A 324 -17.51 0.98 -8.16
C MSE A 324 -18.68 1.62 -8.87
O MSE A 324 -19.08 2.77 -8.60
CB MSE A 324 -17.84 0.66 -6.72
CG MSE A 324 -16.85 -0.46 -6.26
SE MSE A 324 -17.63 -1.03 -4.64
CE MSE A 324 -18.54 -2.59 -5.35
N GLY A 325 -19.26 0.87 -9.79
CA GLY A 325 -20.46 1.29 -10.48
C GLY A 325 -21.65 1.06 -9.59
N TYR A 326 -22.75 1.72 -9.90
CA TYR A 326 -23.98 1.57 -9.11
C TYR A 326 -25.03 0.91 -9.99
N ASN A 327 -25.55 -0.19 -9.49
CA ASN A 327 -26.60 -0.90 -10.12
C ASN A 327 -27.96 -0.35 -9.65
N PHE A 328 -28.62 0.45 -10.50
CA PHE A 328 -29.93 1.00 -10.12
C PHE A 328 -31.08 0.01 -10.26
N GLU A 329 -30.87 -1.15 -10.83
CA GLU A 329 -31.90 -2.16 -10.78
C GLU A 329 -31.96 -2.73 -9.35
N THR A 330 -30.81 -3.12 -8.82
CA THR A 330 -30.73 -3.78 -7.52
C THR A 330 -30.58 -2.83 -6.37
N LYS A 331 -30.38 -1.53 -6.64
CA LYS A 331 -29.98 -0.52 -5.65
C LYS A 331 -28.72 -0.87 -4.85
N GLN A 332 -27.66 -1.22 -5.56
CA GLN A 332 -26.41 -1.67 -4.95
C GLN A 332 -25.23 -1.20 -5.73
N TYR A 333 -24.15 -0.90 -5.04
CA TYR A 333 -22.84 -0.80 -5.67
C TYR A 333 -22.37 -2.24 -5.89
N GLU A 334 -21.84 -2.54 -7.07
CA GLU A 334 -21.40 -3.88 -7.39
C GLU A 334 -20.15 -3.87 -8.22
N LYS A 335 -19.28 -4.85 -7.96
CA LYS A 335 -18.09 -5.05 -8.74
C LYS A 335 -17.61 -6.52 -8.72
N ALA A 336 -17.13 -6.95 -9.90
CA ALA A 336 -16.53 -8.28 -10.11
C ALA A 336 -15.05 -8.05 -10.25
N VAL A 337 -14.25 -8.80 -9.50
CA VAL A 337 -12.80 -8.66 -9.54
C VAL A 337 -12.16 -10.05 -9.57
N LEU A 338 -11.25 -10.26 -10.49
CA LEU A 338 -10.50 -11.49 -10.52
C LEU A 338 -9.35 -11.40 -9.50
N LEU A 339 -9.42 -12.29 -8.52
CA LEU A 339 -8.57 -12.34 -7.35
C LEU A 339 -8.05 -13.77 -7.12
N LYS A 340 -6.79 -13.82 -6.69
CA LYS A 340 -6.15 -15.05 -6.24
C LYS A 340 -6.64 -15.41 -4.86
N GLN A 341 -6.90 -16.69 -4.67
CA GLN A 341 -7.40 -17.21 -3.42
C GLN A 341 -6.58 -16.79 -2.20
N GLY A 342 -7.28 -16.52 -1.10
CA GLY A 342 -6.65 -16.10 0.15
C GLY A 342 -7.61 -15.37 1.10
N SER A 343 -7.04 -14.67 2.08
CA SER A 343 -7.77 -13.82 3.03
C SER A 343 -7.55 -12.39 2.63
N TYR A 344 -8.65 -11.66 2.47
CA TYR A 344 -8.58 -10.24 2.03
C TYR A 344 -9.20 -9.31 3.06
N ASN A 345 -8.49 -8.23 3.39
CA ASN A 345 -9.11 -7.05 3.99
C ASN A 345 -9.60 -6.12 2.86
N TYR A 346 -10.68 -5.39 3.11
CA TYR A 346 -11.17 -4.43 2.15
C TYR A 346 -12.13 -3.45 2.81
N GLN A 347 -12.35 -2.33 2.16
CA GLN A 347 -13.34 -1.38 2.59
C GLN A 347 -13.74 -0.51 1.43
N TYR A 348 -14.68 0.36 1.71
CA TYR A 348 -15.31 1.18 0.72
C TYR A 348 -15.11 2.64 1.09
N LEU A 349 -14.44 3.38 0.22
CA LEU A 349 -14.18 4.78 0.47
C LEU A 349 -15.01 5.60 -0.49
N PHE A 350 -15.49 6.73 0.00
CA PHE A 350 -16.18 7.74 -0.76
C PHE A 350 -15.20 8.88 -1.11
N VAL A 351 -15.17 9.30 -2.37
CA VAL A 351 -14.35 10.45 -2.80
C VAL A 351 -15.32 11.51 -3.29
N PRO A 352 -15.42 12.64 -2.58
CA PRO A 352 -16.32 13.75 -2.94
C PRO A 352 -15.91 14.28 -4.29
N THR A 353 -16.84 14.82 -5.07
CA THR A 353 -16.51 15.24 -6.44
C THR A 353 -15.59 16.44 -6.30
N GLY A 354 -14.57 16.49 -7.16
CA GLY A 354 -13.52 17.51 -7.08
C GLY A 354 -12.48 17.29 -6.00
N SER A 355 -12.33 16.03 -5.57
CA SER A 355 -11.34 15.67 -4.57
C SER A 355 -10.60 14.42 -5.01
N SER A 356 -9.40 14.22 -4.49
CA SER A 356 -8.67 12.93 -4.64
C SER A 356 -8.51 12.15 -3.30
N VAL A 357 -9.17 12.65 -2.26
CA VAL A 357 -9.07 12.14 -0.92
C VAL A 357 -10.30 11.30 -0.55
N GLY A 358 -10.07 10.05 -0.24
CA GLY A 358 -11.14 9.13 0.14
C GLY A 358 -11.50 9.24 1.62
N GLN A 359 -12.76 9.00 1.90
CA GLN A 359 -13.29 9.12 3.25
C GLN A 359 -13.87 7.79 3.70
N THR A 360 -13.52 7.35 4.89
CA THR A 360 -14.13 6.19 5.54
C THR A 360 -15.50 6.55 6.16
N GLY A 361 -15.75 7.82 6.38
CA GLY A 361 -16.92 8.21 7.16
C GLY A 361 -18.27 7.74 6.62
N PRO A 362 -18.52 7.97 5.33
CA PRO A 362 -19.89 7.73 4.83
C PRO A 362 -20.32 6.26 4.82
N ILE A 363 -19.44 5.33 4.47
CA ILE A 363 -19.81 3.91 4.43
C ILE A 363 -19.26 3.03 5.57
N GLU A 364 -18.02 3.32 5.99
CA GLU A 364 -17.37 2.50 6.98
C GLU A 364 -17.55 3.05 8.37
N GLY A 365 -17.78 4.36 8.46
CA GLY A 365 -17.91 5.07 9.73
C GLY A 365 -16.53 5.44 10.29
N ASN A 366 -16.55 6.31 11.31
CA ASN A 366 -15.34 6.79 11.94
C ASN A 366 -15.50 6.59 13.45
N TYR A 367 -14.70 5.70 14.00
CA TYR A 367 -14.79 5.28 15.37
C TYR A 367 -13.41 5.40 15.94
N TYR A 368 -13.29 6.19 17.02
CA TYR A 368 -11.97 6.49 17.60
C TYR A 368 -11.20 5.27 18.07
N GLN A 369 -11.91 4.20 18.46
CA GLN A 369 -11.29 2.97 18.95
C GLN A 369 -10.51 2.22 17.89
N THR A 370 -10.81 2.46 16.61
CA THR A 370 -10.31 1.64 15.51
C THR A 370 -8.78 1.51 15.55
N GLN A 371 -8.30 0.30 15.42
CA GLN A 371 -6.86 0.02 15.31
C GLN A 371 -6.40 0.38 13.89
N ASN A 372 -5.57 1.41 13.79
CA ASN A 372 -4.97 1.82 12.50
C ASN A 372 -3.49 1.92 12.68
N GLU A 373 -2.77 1.95 11.57
CA GLU A 373 -1.33 2.19 11.64
C GLU A 373 -0.98 3.48 10.91
N TYR A 374 0.10 4.11 11.32
CA TYR A 374 0.56 5.36 10.73
C TYR A 374 2.04 5.27 10.54
N SER A 375 2.49 5.49 9.32
CA SER A 375 3.92 5.48 9.05
C SER A 375 4.40 6.93 8.83
N ILE A 376 5.46 7.30 9.53
CA ILE A 376 6.04 8.64 9.55
C ILE A 376 7.40 8.53 8.89
N TYR A 377 7.54 9.20 7.75
CA TYR A 377 8.74 9.20 6.94
C TYR A 377 9.36 10.58 7.05
N VAL A 378 10.63 10.62 7.41
CA VAL A 378 11.36 11.83 7.61
C VAL A 378 12.47 11.91 6.56
N TYR A 379 12.35 12.85 5.63
CA TYR A 379 13.30 13.07 4.56
C TYR A 379 14.10 14.32 4.84
N TYR A 380 15.36 14.35 4.38
CA TYR A 380 16.28 15.40 4.78
C TYR A 380 16.92 15.95 3.56
N ARG A 381 16.83 17.28 3.40
CA ARG A 381 17.50 17.95 2.30
C ARG A 381 18.01 19.35 2.59
N PRO A 382 19.26 19.44 3.01
CA PRO A 382 19.86 20.76 3.30
C PRO A 382 20.18 21.50 2.01
N MSE A 383 20.39 22.82 2.08
CA MSE A 383 20.76 23.66 0.93
CA MSE A 383 20.65 23.61 0.87
C MSE A 383 21.84 23.01 0.14
O MSE A 383 22.80 22.52 0.73
CB MSE A 383 21.35 24.95 1.50
CB MSE A 383 20.78 25.12 1.15
CG MSE A 383 20.41 26.13 1.38
CG MSE A 383 19.49 25.88 0.81
SE MSE A 383 21.49 27.68 1.90
SE MSE A 383 19.08 25.87 -1.13
CE MSE A 383 23.06 27.55 0.72
CE MSE A 383 20.79 26.54 -1.85
N GLY A 384 21.73 23.00 -1.19
CA GLY A 384 22.78 22.44 -2.02
C GLY A 384 22.80 20.92 -2.19
N ALA A 385 22.05 20.16 -1.38
CA ALA A 385 22.02 18.68 -1.57
C ALA A 385 21.21 18.38 -2.81
N ARG A 386 21.52 17.28 -3.49
CA ARG A 386 20.93 17.05 -4.80
C ARG A 386 19.66 16.19 -4.75
N TYR A 387 19.34 15.67 -3.56
CA TYR A 387 18.26 14.68 -3.41
C TYR A 387 17.80 14.56 -1.96
N ASP A 388 16.61 13.99 -1.78
CA ASP A 388 16.00 13.80 -0.48
C ASP A 388 16.45 12.45 0.10
N ARG A 389 17.22 12.53 1.18
CA ARG A 389 17.55 11.35 1.99
C ARG A 389 16.44 11.03 2.93
N LEU A 390 16.26 9.75 3.18
CA LEU A 390 15.30 9.28 4.12
C LEU A 390 16.08 8.90 5.38
N ILE A 391 16.00 9.74 6.40
CA ILE A 391 16.85 9.63 7.58
C ILE A 391 16.13 9.02 8.79
N GLY A 392 14.84 8.83 8.67
CA GLY A 392 14.08 8.16 9.69
C GLY A 392 12.72 7.74 9.21
N VAL A 393 12.24 6.63 9.74
CA VAL A 393 10.93 6.15 9.43
C VAL A 393 10.45 5.31 10.57
N THR A 394 9.17 5.36 10.87
CA THR A 394 8.59 4.52 11.91
C THR A 394 7.11 4.29 11.62
N THR A 395 6.57 3.19 12.08
CA THR A 395 5.15 2.90 11.94
C THR A 395 4.61 2.69 13.37
N VAL A 396 3.56 3.42 13.75
CA VAL A 396 2.99 3.34 15.09
C VAL A 396 1.51 2.90 14.99
N ARG A 397 1.09 2.05 15.91
CA ARG A 397 -0.31 1.62 16.02
C ARG A 397 -0.92 2.14 17.33
N ASN A 398 -2.23 1.91 17.55
CA ASN A 398 -2.93 2.23 18.83
C ASN A 398 -3.73 1.10 19.52
C1 GOL B . 19.80 9.54 16.73
O1 GOL B . 20.00 10.94 16.34
C2 GOL B . 20.05 9.31 18.23
O2 GOL B . 19.36 10.33 18.91
C3 GOL B . 19.57 7.97 18.82
O3 GOL B . 20.28 7.68 20.06
C TRS C . -2.78 7.04 -5.61
C1 TRS C . -3.74 7.75 -4.66
C2 TRS C . -3.46 6.83 -6.99
C3 TRS C . -2.39 5.67 -5.01
N TRS C . -1.53 7.86 -5.79
O1 TRS C . -5.03 7.12 -4.77
O2 TRS C . -4.06 7.99 -7.62
O3 TRS C . -1.11 5.47 -4.35
C TRS D . 4.20 4.33 0.62
C1 TRS D . 3.77 3.65 1.92
C2 TRS D . 5.06 3.45 -0.37
C3 TRS D . 4.88 5.68 0.92
N TRS D . 2.88 4.65 0.04
O1 TRS D . 2.34 3.46 1.94
O2 TRS D . 4.42 2.88 -1.56
O3 TRS D . 6.32 5.72 1.13
CL CL E . 6.95 18.73 5.54
CL CL F . -17.83 -5.08 -12.66
MG MG G . -7.44 -1.86 11.61
MG MG H . 18.56 20.75 26.08
#